data_4X34
#
_entry.id   4X34
#
_cell.length_a   58.891
_cell.length_b   110.939
_cell.length_c   96.915
_cell.angle_alpha   90.000
_cell.angle_beta   90.000
_cell.angle_gamma   90.000
#
_symmetry.space_group_name_H-M   'C 2 2 21'
#
loop_
_entity.id
_entity.type
_entity.pdbx_description
1 polymer 'Tumor suppressor p53-binding protein 1'
2 polymer THR-SER-ARG-HIS-ALY-MLY-LEU-MET-PHE-LYS
3 water water
#
loop_
_entity_poly.entity_id
_entity_poly.type
_entity_poly.pdbx_seq_one_letter_code
_entity_poly.pdbx_strand_id
1 'polypeptide(L)'
;NSFVGLRVVAKWSSNGYFYSGKITRDVGAGKYKLLFDDGYECDVLGKDILLCDPIPLDTEVTALSEDEYFSAGVVKGHRK
ESGELYYSIEKEGQRKWYKRMAVILSLEQGNRLREQYGLG
;
A,B
2 'polypeptide(L)' TSRH(ALY)(MLY)LMFK C,D
#
# COMPACT_ATOMS: atom_id res chain seq x y z
N ASN A 1 3.42 7.84 -14.80
CA ASN A 1 4.20 8.21 -15.98
C ASN A 1 5.06 7.05 -16.50
N SER A 2 6.37 7.11 -16.29
CA SER A 2 7.27 6.04 -16.75
C SER A 2 7.36 4.92 -15.73
N PHE A 3 7.51 3.70 -16.23
CA PHE A 3 7.78 2.54 -15.36
C PHE A 3 9.23 2.45 -14.93
N VAL A 4 10.12 3.17 -15.62
CA VAL A 4 11.54 3.03 -15.34
C VAL A 4 11.85 3.62 -13.96
N GLY A 5 12.47 2.81 -13.10
CA GLY A 5 12.74 3.24 -11.73
C GLY A 5 11.74 2.76 -10.68
N LEU A 6 10.62 2.20 -11.13
CA LEU A 6 9.59 1.76 -10.20
C LEU A 6 9.90 0.40 -9.59
N ARG A 7 9.55 0.22 -8.32
CA ARG A 7 9.70 -1.09 -7.69
C ARG A 7 8.59 -2.01 -8.14
N VAL A 8 8.96 -3.29 -8.34
CA VAL A 8 8.03 -4.31 -8.79
C VAL A 8 8.37 -5.60 -8.07
N VAL A 9 7.53 -6.61 -8.28
CA VAL A 9 7.83 -7.97 -7.88
C VAL A 9 7.76 -8.77 -9.17
N ALA A 10 8.83 -9.47 -9.56
CA ALA A 10 8.86 -10.06 -10.89
C ALA A 10 9.38 -11.48 -10.91
N LYS A 11 8.91 -12.25 -11.88
CA LYS A 11 9.23 -13.68 -11.95
C LYS A 11 10.68 -13.94 -12.35
N TRP A 12 11.37 -14.76 -11.56
CA TRP A 12 12.68 -15.26 -11.93
C TRP A 12 12.43 -16.60 -12.65
N SER A 13 12.85 -16.70 -13.90
CA SER A 13 12.45 -17.84 -14.74
C SER A 13 13.02 -19.17 -14.22
N SER A 14 14.14 -19.12 -13.53
CA SER A 14 14.77 -20.37 -13.09
C SER A 14 13.96 -21.16 -12.05
N ASN A 15 13.08 -20.51 -11.30
CA ASN A 15 12.23 -21.27 -10.38
C ASN A 15 10.75 -20.87 -10.41
N GLY A 16 10.41 -19.82 -11.15
CA GLY A 16 9.03 -19.43 -11.31
C GLY A 16 8.44 -18.59 -10.19
N TYR A 17 9.26 -18.29 -9.18
CA TYR A 17 8.82 -17.43 -8.09
C TYR A 17 9.04 -15.97 -8.46
N PHE A 18 8.27 -15.06 -7.86
CA PHE A 18 8.42 -13.63 -8.11
C PHE A 18 9.19 -12.98 -6.96
N TYR A 19 10.16 -12.13 -7.29
CA TYR A 19 11.04 -11.50 -6.31
C TYR A 19 11.05 -9.98 -6.44
N SER A 20 11.37 -9.30 -5.34
CA SER A 20 11.43 -7.83 -5.31
C SER A 20 12.56 -7.29 -6.17
N GLY A 21 12.27 -6.25 -6.94
CA GLY A 21 13.30 -5.63 -7.78
C GLY A 21 12.81 -4.30 -8.30
N LYS A 22 13.53 -3.73 -9.26
CA LYS A 22 13.17 -2.45 -9.86
C LYS A 22 13.34 -2.52 -11.36
N ILE A 23 12.46 -1.85 -12.11
CA ILE A 23 12.65 -1.79 -13.56
C ILE A 23 13.75 -0.77 -13.82
N THR A 24 14.76 -1.13 -14.60
CA THR A 24 15.86 -0.19 -14.88
C THR A 24 15.94 0.28 -16.32
N ARG A 25 15.23 -0.40 -17.21
CA ARG A 25 15.26 -0.05 -18.63
C ARG A 25 14.10 -0.66 -19.39
N ASP A 26 13.53 0.13 -20.30
CA ASP A 26 12.55 -0.40 -21.25
C ASP A 26 13.36 -0.97 -22.42
N VAL A 27 13.28 -2.29 -22.65
CA VAL A 27 14.06 -2.88 -23.74
C VAL A 27 13.17 -3.29 -24.91
N GLY A 28 11.97 -2.74 -24.93
CA GLY A 28 11.07 -2.88 -26.07
C GLY A 28 10.42 -4.24 -26.16
N ALA A 29 9.43 -4.35 -27.05
CA ALA A 29 8.79 -5.62 -27.32
C ALA A 29 8.23 -6.26 -26.05
N GLY A 30 7.55 -5.46 -25.25
CA GLY A 30 6.90 -5.94 -24.05
C GLY A 30 7.86 -6.46 -22.99
N LYS A 31 9.13 -6.07 -23.10
CA LYS A 31 10.16 -6.57 -22.17
C LYS A 31 10.82 -5.43 -21.39
N TYR A 32 11.23 -5.72 -20.16
CA TYR A 32 11.87 -4.73 -19.30
C TYR A 32 13.12 -5.32 -18.65
N LYS A 33 14.17 -4.52 -18.51
CA LYS A 33 15.34 -4.94 -17.75
C LYS A 33 15.02 -4.73 -16.27
N LEU A 34 15.28 -5.75 -15.46
CA LEU A 34 15.01 -5.67 -14.05
C LEU A 34 16.31 -5.73 -13.29
N LEU A 35 16.42 -4.94 -12.23
CA LEU A 35 17.47 -5.18 -11.25
C LEU A 35 16.81 -5.75 -10.00
N PHE A 36 17.02 -7.03 -9.73
CA PHE A 36 16.45 -7.57 -8.49
C PHE A 36 17.20 -7.01 -7.28
N ASP A 37 16.54 -7.03 -6.13
CA ASP A 37 17.14 -6.48 -4.92
C ASP A 37 18.43 -7.22 -4.55
N ASP A 38 18.56 -8.46 -4.99
CA ASP A 38 19.77 -9.23 -4.72
C ASP A 38 20.92 -8.91 -5.67
N GLY A 39 20.68 -8.01 -6.61
CA GLY A 39 21.73 -7.55 -7.50
C GLY A 39 21.71 -8.17 -8.89
N TYR A 40 20.87 -9.17 -9.08
CA TYR A 40 20.82 -9.84 -10.37
C TYR A 40 20.07 -9.00 -11.36
N GLU A 41 20.63 -8.85 -12.57
CA GLU A 41 19.95 -8.09 -13.61
C GLU A 41 19.63 -8.97 -14.81
N CYS A 42 18.39 -8.91 -15.29
CA CYS A 42 18.00 -9.66 -16.48
C CYS A 42 16.75 -9.08 -17.09
N ASP A 43 16.37 -9.56 -18.28
CA ASP A 43 15.17 -9.05 -18.93
C ASP A 43 13.98 -9.94 -18.57
N VAL A 44 12.82 -9.30 -18.38
CA VAL A 44 11.59 -9.98 -17.93
C VAL A 44 10.41 -9.44 -18.73
N LEU A 45 9.55 -10.34 -19.19
CA LEU A 45 8.34 -9.97 -19.93
C LEU A 45 7.41 -9.22 -19.03
N GLY A 46 6.75 -8.20 -19.56
CA GLY A 46 5.76 -7.45 -18.79
C GLY A 46 4.74 -8.32 -18.07
N LYS A 47 4.34 -9.43 -18.68
CA LYS A 47 3.30 -10.29 -18.10
C LYS A 47 3.80 -10.93 -16.80
N ASP A 48 5.12 -10.94 -16.63
CA ASP A 48 5.76 -11.58 -15.46
C ASP A 48 6.23 -10.54 -14.45
N ILE A 49 5.77 -9.30 -14.62
CA ILE A 49 6.10 -8.21 -13.70
C ILE A 49 4.83 -7.69 -13.02
N LEU A 50 4.85 -7.65 -11.69
CA LEU A 50 3.75 -7.09 -10.92
C LEU A 50 4.13 -5.72 -10.38
N LEU A 51 3.36 -4.71 -10.75
CA LEU A 51 3.64 -3.35 -10.33
C LEU A 51 2.99 -3.09 -8.98
N CYS A 52 3.52 -3.70 -7.92
CA CYS A 52 3.06 -3.36 -6.58
C CYS A 52 4.23 -3.06 -5.67
N ASP A 53 4.12 -1.93 -4.98
CA ASP A 53 5.11 -1.48 -4.03
C ASP A 53 4.37 -0.64 -2.99
N PRO A 54 4.05 -1.23 -1.82
CA PRO A 54 4.36 -2.59 -1.38
C PRO A 54 3.36 -3.62 -1.86
N ILE A 55 3.69 -4.89 -1.63
CA ILE A 55 2.70 -5.95 -1.79
C ILE A 55 1.57 -5.60 -0.81
N PRO A 56 0.32 -5.64 -1.28
CA PRO A 56 -0.79 -5.11 -0.47
C PRO A 56 -1.10 -5.94 0.76
N LEU A 57 -1.65 -5.29 1.79
CA LEU A 57 -2.17 -6.01 2.95
C LEU A 57 -3.12 -7.13 2.52
N ASP A 58 -3.08 -8.24 3.27
CA ASP A 58 -3.91 -9.42 3.03
C ASP A 58 -3.51 -10.31 1.84
N THR A 59 -2.44 -9.95 1.16
CA THR A 59 -1.92 -10.81 0.08
C THR A 59 -1.31 -12.10 0.63
N GLU A 60 -1.63 -13.23 0.00
CA GLU A 60 -0.96 -14.49 0.33
C GLU A 60 0.43 -14.51 -0.33
N VAL A 61 1.47 -14.68 0.49
CA VAL A 61 2.85 -14.62 0.03
C VAL A 61 3.67 -15.79 0.59
N THR A 62 4.94 -15.79 0.24
CA THR A 62 5.88 -16.80 0.73
C THR A 62 7.03 -16.03 1.39
N ALA A 63 7.49 -16.48 2.54
CA ALA A 63 8.55 -15.77 3.24
C ALA A 63 9.78 -16.67 3.31
N LEU A 64 10.95 -16.09 3.00
CA LEU A 64 12.23 -16.81 3.09
C LEU A 64 12.92 -16.51 4.42
N SER A 65 13.33 -17.56 5.11
CA SER A 65 14.00 -17.40 6.40
C SER A 65 15.47 -17.15 6.14
N GLU A 66 16.21 -16.73 7.17
CA GLU A 66 17.63 -16.49 7.01
C GLU A 66 18.42 -17.80 6.84
N ASP A 67 17.77 -18.92 7.15
CA ASP A 67 18.44 -20.22 7.02
C ASP A 67 17.95 -21.11 5.88
N GLU A 68 17.49 -20.49 4.79
CA GLU A 68 17.19 -21.17 3.52
C GLU A 68 15.90 -21.98 3.52
N TYR A 69 14.93 -21.61 4.35
CA TYR A 69 13.63 -22.27 4.30
C TYR A 69 12.58 -21.28 3.85
N PHE A 70 11.46 -21.79 3.33
CA PHE A 70 10.35 -20.91 2.96
C PHE A 70 9.04 -21.41 3.53
N SER A 71 8.12 -20.50 3.79
CA SER A 71 6.80 -20.88 4.29
C SER A 71 5.79 -19.90 3.76
N ALA A 72 4.53 -20.30 3.70
CA ALA A 72 3.50 -19.40 3.19
C ALA A 72 2.94 -18.57 4.34
N GLY A 73 2.50 -17.35 4.03
CA GLY A 73 1.88 -16.51 5.04
C GLY A 73 1.06 -15.42 4.38
N VAL A 74 0.56 -14.48 5.17
CA VAL A 74 -0.29 -13.41 4.66
C VAL A 74 0.25 -12.07 5.14
N VAL A 75 0.32 -11.09 4.23
CA VAL A 75 0.85 -9.79 4.62
C VAL A 75 -0.14 -9.10 5.56
N LYS A 76 0.31 -8.74 6.76
CA LYS A 76 -0.58 -8.06 7.69
C LYS A 76 -0.06 -6.68 8.12
N GLY A 77 1.14 -6.33 7.67
CA GLY A 77 1.71 -5.04 8.06
C GLY A 77 2.86 -4.61 7.17
N HIS A 78 3.12 -3.31 7.17
CA HIS A 78 4.28 -2.74 6.48
C HIS A 78 4.93 -1.79 7.46
N ARG A 79 6.23 -1.59 7.36
CA ARG A 79 6.86 -0.49 8.08
C ARG A 79 8.11 -0.05 7.35
N LYS A 80 8.35 1.26 7.36
CA LYS A 80 9.55 1.82 6.73
C LYS A 80 10.51 2.23 7.84
N GLU A 81 11.77 1.81 7.72
CA GLU A 81 12.78 2.27 8.67
C GLU A 81 14.12 2.46 7.97
N SER A 82 14.66 3.66 8.10
CA SER A 82 15.94 4.02 7.46
C SER A 82 15.88 3.80 5.96
N GLY A 83 14.73 4.10 5.36
CA GLY A 83 14.58 4.00 3.91
C GLY A 83 14.39 2.58 3.41
N GLU A 84 14.15 1.65 4.33
CA GLU A 84 13.97 0.25 3.98
C GLU A 84 12.59 -0.23 4.40
N LEU A 85 11.98 -1.08 3.57
CA LEU A 85 10.64 -1.62 3.85
C LEU A 85 10.74 -2.98 4.51
N TYR A 86 9.88 -3.20 5.50
CA TYR A 86 9.72 -4.49 6.16
C TYR A 86 8.26 -4.91 6.12
N TYR A 87 8.04 -6.22 6.03
CA TYR A 87 6.69 -6.76 6.00
C TYR A 87 6.40 -7.54 7.27
N SER A 88 5.20 -7.38 7.81
CA SER A 88 4.72 -8.26 8.87
C SER A 88 3.95 -9.40 8.21
N ILE A 89 4.43 -10.63 8.40
CA ILE A 89 3.83 -11.79 7.75
C ILE A 89 3.17 -12.67 8.80
N GLU A 90 1.92 -13.03 8.58
CA GLU A 90 1.21 -13.85 9.55
C GLU A 90 1.12 -15.29 9.06
N LYS A 91 1.38 -16.22 9.97
CA LYS A 91 1.37 -17.65 9.68
C LYS A 91 0.86 -18.36 10.92
N GLU A 92 -0.20 -19.14 10.79
CA GLU A 92 -0.74 -19.93 11.92
C GLU A 92 -0.97 -19.11 13.17
N GLY A 93 -1.54 -17.91 13.02
CA GLY A 93 -1.91 -17.10 14.17
C GLY A 93 -0.80 -16.25 14.77
N GLN A 94 0.41 -16.35 14.23
CA GLN A 94 1.52 -15.56 14.73
C GLN A 94 2.14 -14.72 13.61
N ARG A 95 2.97 -13.74 13.97
CA ARG A 95 3.56 -12.84 12.99
C ARG A 95 5.06 -12.69 13.13
N LYS A 96 5.72 -12.32 12.04
CA LYS A 96 7.16 -12.08 12.05
C LYS A 96 7.47 -10.99 11.04
N TRP A 97 8.39 -10.10 11.39
CA TRP A 97 8.86 -9.05 10.47
C TRP A 97 9.96 -9.61 9.54
N TYR A 98 9.83 -9.34 8.25
CA TYR A 98 10.80 -9.79 7.27
C TYR A 98 11.24 -8.60 6.42
N LYS A 99 12.50 -8.57 6.02
CA LYS A 99 12.91 -7.53 5.10
C LYS A 99 12.22 -7.70 3.74
N ARG A 100 12.03 -6.60 3.01
CA ARG A 100 11.36 -6.61 1.72
C ARG A 100 11.80 -7.76 0.82
N MET A 101 13.10 -7.96 0.68
CA MET A 101 13.55 -8.90 -0.34
C MET A 101 13.35 -10.36 0.07
N ALA A 102 12.95 -10.59 1.32
CA ALA A 102 12.69 -11.96 1.78
C ALA A 102 11.24 -12.38 1.57
N VAL A 103 10.41 -11.45 1.08
CA VAL A 103 9.02 -11.77 0.78
C VAL A 103 8.87 -11.95 -0.72
N ILE A 104 8.42 -13.14 -1.11
CA ILE A 104 8.33 -13.52 -2.52
C ILE A 104 6.94 -14.09 -2.81
N LEU A 105 6.66 -14.38 -4.08
CA LEU A 105 5.37 -14.98 -4.44
C LEU A 105 5.62 -16.26 -5.23
N SER A 106 4.95 -17.34 -4.86
CA SER A 106 4.98 -18.53 -5.69
C SER A 106 4.28 -18.23 -7.02
N LEU A 107 4.35 -19.15 -7.97
CA LEU A 107 3.67 -18.94 -9.24
C LEU A 107 2.17 -18.72 -9.03
N GLU A 108 1.56 -19.57 -8.21
CA GLU A 108 0.13 -19.45 -7.91
C GLU A 108 -0.16 -18.12 -7.22
N GLN A 109 0.73 -17.73 -6.32
CA GLN A 109 0.48 -16.49 -5.59
C GLN A 109 0.63 -15.26 -6.48
N GLY A 110 1.60 -15.31 -7.39
CA GLY A 110 1.81 -14.20 -8.30
C GLY A 110 0.68 -14.14 -9.32
N ASN A 111 0.21 -15.31 -9.74
CA ASN A 111 -0.90 -15.37 -10.70
C ASN A 111 -2.13 -14.64 -10.20
N ARG A 112 -2.41 -14.73 -8.90
CA ARG A 112 -3.57 -14.06 -8.31
C ARG A 112 -3.51 -12.55 -8.46
N LEU A 113 -2.31 -12.02 -8.56
CA LEU A 113 -2.14 -10.57 -8.62
C LEU A 113 -2.02 -10.03 -10.06
N ARG A 114 -1.93 -10.91 -11.05
CA ARG A 114 -1.62 -10.46 -12.43
C ARG A 114 -2.67 -9.51 -13.01
N GLU A 115 -3.95 -9.83 -12.85
CA GLU A 115 -4.99 -9.00 -13.46
C GLU A 115 -4.93 -7.56 -12.95
N GLN A 116 -4.69 -7.41 -11.65
CA GLN A 116 -4.68 -6.09 -11.02
C GLN A 116 -3.35 -5.34 -11.11
N TYR A 117 -2.23 -6.08 -11.14
CA TYR A 117 -0.92 -5.45 -11.03
C TYR A 117 0.06 -5.78 -12.17
N GLY A 118 -0.29 -6.76 -12.98
CA GLY A 118 0.62 -7.24 -14.02
C GLY A 118 0.81 -6.23 -15.14
N LEU A 119 1.97 -6.25 -15.78
CA LEU A 119 2.22 -5.34 -16.89
C LEU A 119 2.10 -6.03 -18.22
N GLY A 120 1.32 -7.11 -18.26
CA GLY A 120 1.08 -7.85 -19.49
C GLY A 120 0.18 -9.03 -19.25
N ASN B 1 -16.80 -3.15 -9.98
CA ASN B 1 -17.97 -2.88 -10.81
C ASN B 1 -18.81 -1.71 -10.35
N SER B 2 -18.54 -1.22 -9.16
CA SER B 2 -19.33 -0.17 -8.56
C SER B 2 -18.45 0.56 -7.58
N PHE B 3 -18.69 1.85 -7.40
CA PHE B 3 -17.96 2.60 -6.37
C PHE B 3 -18.46 2.23 -4.98
N VAL B 4 -19.64 1.64 -4.90
CA VAL B 4 -20.17 1.24 -3.59
C VAL B 4 -19.25 0.18 -2.97
N GLY B 5 -18.88 0.37 -1.71
CA GLY B 5 -18.03 -0.58 -1.02
C GLY B 5 -16.58 -0.13 -0.92
N LEU B 6 -16.21 0.86 -1.72
CA LEU B 6 -14.82 1.34 -1.70
C LEU B 6 -14.53 2.18 -0.46
N ARG B 7 -13.36 1.93 0.13
CA ARG B 7 -12.84 2.80 1.18
C ARG B 7 -12.23 4.05 0.59
N VAL B 8 -12.49 5.18 1.23
CA VAL B 8 -12.03 6.46 0.72
C VAL B 8 -11.61 7.35 1.88
N VAL B 9 -10.96 8.46 1.56
CA VAL B 9 -10.75 9.53 2.50
C VAL B 9 -11.39 10.75 1.87
N ALA B 10 -12.35 11.33 2.55
CA ALA B 10 -13.21 12.30 1.87
C ALA B 10 -13.43 13.54 2.67
N LYS B 11 -13.52 14.64 1.94
CA LYS B 11 -13.71 15.93 2.55
C LYS B 11 -15.08 16.04 3.21
N TRP B 12 -15.05 16.54 4.43
CA TRP B 12 -16.26 16.98 5.11
C TRP B 12 -16.20 18.49 4.97
N SER B 13 -17.26 19.07 4.40
CA SER B 13 -17.18 20.41 3.80
C SER B 13 -16.88 21.56 4.76
N SER B 14 -17.26 21.39 6.03
CA SER B 14 -17.11 22.45 7.03
C SER B 14 -15.67 22.91 7.23
N ASN B 15 -14.85 22.03 7.81
CA ASN B 15 -13.45 22.35 8.11
C ASN B 15 -12.53 22.14 6.90
N GLY B 16 -13.02 21.39 5.92
CA GLY B 16 -12.22 21.09 4.74
C GLY B 16 -11.15 20.03 4.97
N TYR B 17 -11.24 19.30 6.09
CA TYR B 17 -10.36 18.14 6.30
C TYR B 17 -10.98 16.90 5.64
N PHE B 18 -10.13 15.96 5.24
CA PHE B 18 -10.56 14.69 4.65
C PHE B 18 -10.56 13.62 5.73
N TYR B 19 -11.62 12.81 5.80
CA TYR B 19 -11.75 11.80 6.85
C TYR B 19 -12.01 10.45 6.22
N SER B 20 -11.66 9.39 6.96
CA SER B 20 -11.83 8.01 6.52
C SER B 20 -13.31 7.60 6.47
N GLY B 21 -13.69 6.88 5.41
CA GLY B 21 -15.07 6.42 5.27
C GLY B 21 -15.21 5.43 4.15
N LYS B 22 -16.44 5.02 3.85
CA LYS B 22 -16.68 4.13 2.73
C LYS B 22 -17.89 4.60 1.94
N ILE B 23 -17.86 4.39 0.62
CA ILE B 23 -19.00 4.77 -0.22
C ILE B 23 -20.14 3.75 -0.01
N THR B 24 -21.32 4.24 0.38
CA THR B 24 -22.48 3.35 0.56
C THR B 24 -23.46 3.42 -0.63
N ARG B 25 -23.51 4.55 -1.30
CA ARG B 25 -24.41 4.70 -2.45
C ARG B 25 -23.79 5.56 -3.54
N ASP B 26 -24.00 5.15 -4.79
CA ASP B 26 -23.66 5.98 -5.92
C ASP B 26 -24.95 6.72 -6.26
N VAL B 27 -25.03 8.00 -5.92
CA VAL B 27 -26.31 8.69 -5.99
C VAL B 27 -26.48 9.49 -7.29
N GLY B 28 -25.47 9.43 -8.16
CA GLY B 28 -25.56 10.04 -9.47
C GLY B 28 -25.17 11.50 -9.44
N ALA B 29 -25.03 12.11 -10.62
CA ALA B 29 -24.68 13.52 -10.75
C ALA B 29 -23.38 13.86 -10.03
N GLY B 30 -22.41 12.96 -10.11
CA GLY B 30 -21.09 13.18 -9.56
C GLY B 30 -20.98 13.16 -8.04
N LYS B 31 -22.00 12.64 -7.36
CA LYS B 31 -21.92 12.57 -5.91
C LYS B 31 -22.21 11.18 -5.37
N TYR B 32 -21.73 10.93 -4.14
CA TYR B 32 -21.75 9.61 -3.53
C TYR B 32 -22.15 9.78 -2.08
N LYS B 33 -22.95 8.84 -1.56
CA LYS B 33 -23.24 8.86 -0.14
C LYS B 33 -22.12 8.13 0.56
N LEU B 34 -21.60 8.73 1.62
CA LEU B 34 -20.49 8.18 2.39
C LEU B 34 -20.94 7.88 3.79
N LEU B 35 -20.52 6.73 4.30
CA LEU B 35 -20.59 6.50 5.74
C LEU B 35 -19.18 6.68 6.30
N PHE B 36 -18.98 7.78 7.02
CA PHE B 36 -17.69 8.01 7.66
C PHE B 36 -17.48 7.04 8.82
N ASP B 37 -16.22 6.75 9.12
CA ASP B 37 -15.90 5.81 10.19
C ASP B 37 -16.38 6.31 11.56
N ASP B 38 -16.62 7.61 11.68
CA ASP B 38 -17.14 8.15 12.94
C ASP B 38 -18.66 8.09 13.02
N GLY B 39 -19.29 7.51 11.99
CA GLY B 39 -20.73 7.28 12.02
C GLY B 39 -21.55 8.29 11.24
N TYR B 40 -20.93 9.39 10.83
CA TYR B 40 -21.61 10.44 10.09
C TYR B 40 -21.87 10.01 8.65
N GLU B 41 -23.07 10.31 8.15
CA GLU B 41 -23.45 9.91 6.80
C GLU B 41 -23.93 11.12 6.02
N CYS B 42 -23.36 11.33 4.83
CA CYS B 42 -23.75 12.45 3.97
C CYS B 42 -23.29 12.28 2.53
N ASP B 43 -23.82 13.13 1.65
CA ASP B 43 -23.44 13.09 0.24
C ASP B 43 -22.22 13.95 -0.03
N VAL B 44 -21.29 13.41 -0.82
CA VAL B 44 -20.04 14.10 -1.10
C VAL B 44 -19.77 14.07 -2.59
N LEU B 45 -19.21 15.17 -3.12
CA LEU B 45 -18.88 15.23 -4.53
C LEU B 45 -17.63 14.41 -4.82
N GLY B 46 -17.59 13.77 -6.00
CA GLY B 46 -16.45 12.98 -6.42
C GLY B 46 -15.11 13.69 -6.31
N LYS B 47 -15.10 15.00 -6.56
CA LYS B 47 -13.87 15.78 -6.49
C LYS B 47 -13.33 15.90 -5.06
N ASP B 48 -14.18 15.61 -4.08
CA ASP B 48 -13.78 15.73 -2.67
C ASP B 48 -13.53 14.37 -2.04
N ILE B 49 -13.31 13.38 -2.90
CA ILE B 49 -13.12 11.99 -2.48
C ILE B 49 -11.78 11.45 -3.01
N LEU B 50 -10.97 10.89 -2.10
CA LEU B 50 -9.73 10.24 -2.50
C LEU B 50 -9.86 8.73 -2.32
N LEU B 51 -9.44 7.97 -3.33
CA LEU B 51 -9.57 6.52 -3.33
C LEU B 51 -8.40 5.74 -2.72
N CYS B 52 -7.45 6.42 -2.09
CA CYS B 52 -6.34 5.67 -1.51
C CYS B 52 -6.76 4.89 -0.27
N ASP B 53 -6.54 3.59 -0.32
CA ASP B 53 -6.72 2.72 0.83
C ASP B 53 -5.67 1.63 0.79
N PRO B 54 -4.71 1.68 1.74
CA PRO B 54 -4.58 2.70 2.79
C PRO B 54 -3.91 3.95 2.26
N ILE B 55 -3.84 4.98 3.09
CA ILE B 55 -3.05 6.16 2.78
C ILE B 55 -1.60 5.69 2.69
N PRO B 56 -0.91 6.05 1.58
CA PRO B 56 0.39 5.41 1.31
C PRO B 56 1.50 5.78 2.29
N LEU B 57 2.47 4.87 2.43
CA LEU B 57 3.67 5.14 3.20
C LEU B 57 4.28 6.47 2.75
N ASP B 58 4.84 7.21 3.71
CA ASP B 58 5.53 8.49 3.43
C ASP B 58 4.61 9.69 3.14
N THR B 59 3.30 9.49 3.16
CA THR B 59 2.35 10.61 3.03
C THR B 59 2.34 11.47 4.31
N GLU B 60 2.28 12.79 4.15
CA GLU B 60 2.10 13.68 5.29
C GLU B 60 0.61 13.79 5.62
N VAL B 61 0.27 13.49 6.88
CA VAL B 61 -1.10 13.42 7.33
C VAL B 61 -1.24 14.21 8.61
N THR B 62 -2.45 14.25 9.14
CA THR B 62 -2.72 14.84 10.44
C THR B 62 -3.25 13.72 11.35
N ALA B 63 -2.74 13.61 12.58
CA ALA B 63 -3.15 12.50 13.43
C ALA B 63 -3.75 13.00 14.71
N LEU B 64 -4.91 12.44 15.07
CA LEU B 64 -5.61 12.86 16.28
C LEU B 64 -5.23 11.99 17.46
N SER B 65 -4.86 12.62 18.59
CA SER B 65 -4.67 11.87 19.83
C SER B 65 -6.01 11.53 20.46
N GLU B 66 -5.97 10.81 21.57
CA GLU B 66 -7.18 10.36 22.27
C GLU B 66 -8.11 11.53 22.64
N ASP B 67 -7.51 12.66 22.99
CA ASP B 67 -8.28 13.81 23.44
C ASP B 67 -8.60 14.84 22.34
N GLU B 68 -8.54 14.39 21.08
CA GLU B 68 -8.87 15.22 19.92
C GLU B 68 -7.86 16.35 19.65
N TYR B 69 -6.66 16.26 20.25
CA TYR B 69 -5.57 17.13 19.82
C TYR B 69 -4.93 16.55 18.55
N PHE B 70 -4.49 17.44 17.66
CA PHE B 70 -3.93 16.99 16.38
C PHE B 70 -2.62 17.67 15.99
N SER B 71 -1.79 16.98 15.22
CA SER B 71 -0.62 17.61 14.62
C SER B 71 -0.22 16.83 13.37
N ALA B 72 0.64 17.41 12.56
CA ALA B 72 1.10 16.73 11.33
C ALA B 72 2.11 15.63 11.65
N GLY B 73 2.15 14.62 10.79
CA GLY B 73 3.11 13.55 10.94
C GLY B 73 3.29 12.84 9.61
N VAL B 74 4.12 11.81 9.58
CA VAL B 74 4.34 11.05 8.35
C VAL B 74 4.01 9.57 8.53
N VAL B 75 3.28 9.01 7.57
CA VAL B 75 2.92 7.60 7.62
C VAL B 75 4.21 6.78 7.45
N LYS B 76 4.54 5.96 8.45
CA LYS B 76 5.72 5.09 8.39
C LYS B 76 5.39 3.60 8.47
N GLY B 77 4.10 3.28 8.58
CA GLY B 77 3.71 1.89 8.72
C GLY B 77 2.20 1.69 8.64
N HIS B 78 1.79 0.45 8.38
CA HIS B 78 0.38 0.07 8.38
C HIS B 78 0.34 -1.28 9.03
N ARG B 79 -0.76 -1.58 9.73
CA ARG B 79 -1.00 -2.98 10.08
C ARG B 79 -2.46 -3.26 10.32
N LYS B 80 -2.85 -4.51 10.07
CA LYS B 80 -4.24 -4.93 10.21
C LYS B 80 -4.32 -5.72 11.50
N GLU B 81 -5.39 -5.49 12.27
CA GLU B 81 -5.64 -6.25 13.49
C GLU B 81 -7.13 -6.46 13.62
N SER B 82 -7.57 -7.72 13.64
CA SER B 82 -8.99 -8.04 13.77
C SER B 82 -9.80 -7.32 12.72
N GLY B 83 -9.29 -7.31 11.49
CA GLY B 83 -10.00 -6.69 10.38
C GLY B 83 -9.91 -5.18 10.33
N GLU B 84 -9.20 -4.57 11.28
CA GLU B 84 -9.10 -3.11 11.32
C GLU B 84 -7.69 -2.58 11.08
N LEU B 85 -7.60 -1.40 10.49
CA LEU B 85 -6.31 -0.86 10.07
C LEU B 85 -5.77 0.15 11.08
N TYR B 86 -4.47 0.08 11.34
CA TYR B 86 -3.76 1.06 12.16
C TYR B 86 -2.61 1.64 11.37
N TYR B 87 -2.34 2.93 11.56
CA TYR B 87 -1.23 3.60 10.91
C TYR B 87 -0.16 3.89 11.94
N SER B 88 1.09 3.64 11.58
CA SER B 88 2.23 4.12 12.37
C SER B 88 2.60 5.50 11.86
N ILE B 89 2.44 6.51 12.71
CA ILE B 89 2.68 7.88 12.33
C ILE B 89 3.85 8.44 13.11
N GLU B 90 4.79 9.03 12.39
CA GLU B 90 6.00 9.58 13.00
C GLU B 90 5.87 11.10 13.11
N LYS B 91 6.08 11.61 14.32
CA LYS B 91 6.10 13.04 14.60
C LYS B 91 7.38 13.35 15.38
N GLU B 92 8.23 14.20 14.81
CA GLU B 92 9.47 14.59 15.47
C GLU B 92 10.27 13.39 15.99
N GLY B 93 10.48 12.41 15.12
CA GLY B 93 11.30 11.25 15.48
C GLY B 93 10.57 10.13 16.19
N GLN B 94 9.40 10.41 16.75
CA GLN B 94 8.68 9.43 17.54
C GLN B 94 7.53 8.84 16.75
N ARG B 95 7.24 7.56 16.97
CA ARG B 95 6.10 6.88 16.33
C ARG B 95 5.04 6.37 17.29
N LYS B 96 3.78 6.50 16.89
CA LYS B 96 2.68 5.89 17.62
C LYS B 96 1.75 5.25 16.61
N TRP B 97 1.00 4.24 17.05
CA TRP B 97 0.00 3.62 16.20
C TRP B 97 -1.29 4.40 16.37
N TYR B 98 -1.96 4.70 15.26
CA TYR B 98 -3.26 5.35 15.31
C TYR B 98 -4.28 4.52 14.55
N LYS B 99 -5.47 4.39 15.11
CA LYS B 99 -6.55 3.74 14.37
C LYS B 99 -6.86 4.53 13.11
N ARG B 100 -7.41 3.86 12.11
CA ARG B 100 -7.70 4.47 10.83
C ARG B 100 -8.47 5.79 10.95
N MET B 101 -9.49 5.81 11.80
CA MET B 101 -10.34 7.00 11.86
C MET B 101 -9.67 8.20 12.54
N ALA B 102 -8.50 7.99 13.15
CA ALA B 102 -7.74 9.08 13.78
C ALA B 102 -6.73 9.73 12.84
N VAL B 103 -6.63 9.20 11.63
CA VAL B 103 -5.73 9.77 10.64
C VAL B 103 -6.54 10.54 9.60
N ILE B 104 -6.27 11.84 9.48
CA ILE B 104 -7.02 12.69 8.58
C ILE B 104 -6.07 13.50 7.71
N LEU B 105 -6.61 14.21 6.71
CA LEU B 105 -5.78 15.06 5.87
C LEU B 105 -6.30 16.49 5.88
N SER B 106 -5.40 17.45 6.08
CA SER B 106 -5.77 18.85 5.88
C SER B 106 -6.06 19.06 4.40
N LEU B 107 -6.71 20.18 4.07
CA LEU B 107 -7.00 20.50 2.67
C LEU B 107 -5.73 20.41 1.83
N GLU B 108 -4.63 20.96 2.34
CA GLU B 108 -3.37 20.94 1.60
C GLU B 108 -2.78 19.54 1.49
N GLN B 109 -2.91 18.77 2.57
CA GLN B 109 -2.38 17.40 2.56
C GLN B 109 -3.19 16.55 1.59
N GLY B 110 -4.50 16.78 1.58
CA GLY B 110 -5.38 16.04 0.67
C GLY B 110 -5.10 16.40 -0.77
N ASN B 111 -4.91 17.70 -1.04
CA ASN B 111 -4.65 18.19 -2.39
C ASN B 111 -3.48 17.51 -3.08
N ARG B 112 -2.43 17.20 -2.33
CA ARG B 112 -1.28 16.50 -2.89
C ARG B 112 -1.66 15.15 -3.48
N LEU B 113 -2.72 14.54 -2.95
CA LEU B 113 -3.15 13.22 -3.39
C LEU B 113 -4.31 13.24 -4.42
N ARG B 114 -4.90 14.41 -4.63
CA ARG B 114 -6.07 14.54 -5.49
C ARG B 114 -5.80 14.05 -6.91
N GLU B 115 -4.66 14.45 -7.46
CA GLU B 115 -4.29 14.14 -8.83
C GLU B 115 -4.25 12.63 -9.06
N GLN B 116 -3.64 11.91 -8.12
CA GLN B 116 -3.37 10.49 -8.25
C GLN B 116 -4.51 9.60 -7.71
N TYR B 117 -5.30 10.13 -6.77
CA TYR B 117 -6.31 9.33 -6.08
C TYR B 117 -7.72 9.93 -6.11
N GLY B 118 -7.85 11.11 -6.72
CA GLY B 118 -9.13 11.79 -6.80
C GLY B 118 -10.18 11.00 -7.57
N LEU B 119 -11.44 11.32 -7.30
CA LEU B 119 -12.55 10.60 -7.94
C LEU B 119 -13.26 11.46 -8.97
N THR C 1 37.36 -11.78 -10.96
CA THR C 1 36.14 -11.35 -11.63
C THR C 1 34.90 -12.11 -11.14
N SER C 2 34.00 -11.39 -10.47
CA SER C 2 32.85 -12.03 -9.86
C SER C 2 31.57 -11.93 -10.69
N ARG C 3 30.72 -12.94 -10.57
CA ARG C 3 29.46 -12.99 -11.29
C ARG C 3 28.32 -13.30 -10.31
N HIS C 4 27.11 -12.87 -10.64
CA HIS C 4 25.99 -13.16 -9.75
C HIS C 4 25.65 -14.63 -9.78
OH ALY C 5 19.38 -16.90 -4.61
CH ALY C 5 19.81 -17.88 -5.24
CH3 ALY C 5 18.86 -18.73 -6.05
NZ ALY C 5 21.21 -18.22 -5.23
CE ALY C 5 22.13 -17.42 -4.46
CD ALY C 5 23.54 -17.33 -4.97
CG ALY C 5 23.73 -16.70 -6.35
CB ALY C 5 24.98 -17.06 -7.09
CA ALY C 5 25.10 -16.58 -8.51
N ALY C 5 25.34 -15.18 -8.61
C ALY C 5 23.93 -17.02 -9.35
O ALY C 5 23.89 -18.20 -9.77
N MLY C 6 22.98 -16.13 -9.66
CA MLY C 6 21.85 -16.58 -10.46
CB MLY C 6 20.66 -15.63 -10.46
CG MLY C 6 20.29 -15.02 -9.10
CD MLY C 6 19.14 -15.49 -8.24
CE MLY C 6 17.77 -14.89 -8.45
NZ MLY C 6 17.22 -13.80 -7.63
CH1 MLY C 6 16.28 -14.31 -6.64
CH2 MLY C 6 16.47 -13.03 -8.57
C MLY C 6 22.30 -16.93 -11.85
O MLY C 6 21.59 -17.63 -12.57
N LEU C 7 23.48 -16.47 -12.25
CA LEU C 7 24.02 -16.90 -13.54
C LEU C 7 24.38 -18.38 -13.56
N MET C 8 24.51 -18.99 -12.38
CA MET C 8 24.82 -20.43 -12.28
C MET C 8 23.69 -21.31 -12.81
N PHE C 9 22.48 -20.76 -12.94
CA PHE C 9 21.32 -21.52 -13.40
C PHE C 9 21.04 -21.36 -14.90
N LYS C 10 21.91 -20.60 -15.58
CA LYS C 10 21.75 -20.39 -17.02
C LYS C 10 22.76 -21.24 -17.79
N SER D 2 -16.77 9.78 19.28
CA SER D 2 -16.71 10.45 17.97
C SER D 2 -18.10 10.64 17.33
N ARG D 3 -18.35 11.77 16.67
CA ARG D 3 -17.38 12.85 16.50
C ARG D 3 -17.81 14.17 17.13
N HIS D 4 -17.26 14.48 18.29
CA HIS D 4 -17.64 15.70 18.99
C HIS D 4 -16.90 16.86 18.34
OH ALY D 5 -9.77 18.21 14.54
CH ALY D 5 -10.14 18.83 13.56
CH3 ALY D 5 -9.18 19.07 12.40
NZ ALY D 5 -11.49 19.32 13.51
CE ALY D 5 -12.36 19.06 14.64
CD ALY D 5 -13.82 19.35 14.45
CG ALY D 5 -14.73 18.13 14.43
CB ALY D 5 -15.21 17.62 15.76
CA ALY D 5 -16.54 18.07 16.27
N ALY D 5 -17.17 17.06 17.05
C ALY D 5 -17.46 18.32 15.11
O ALY D 5 -17.57 19.47 14.59
N MLY D 6 -18.14 17.26 14.67
CA MLY D 6 -19.24 17.40 13.73
CB MLY D 6 -19.71 16.02 13.27
CG MLY D 6 -19.02 15.47 12.02
CD MLY D 6 -17.85 14.54 12.20
CE MLY D 6 -16.84 14.48 11.06
NZ MLY D 6 -17.13 13.46 10.07
CH1 MLY D 6 -15.91 13.01 9.43
CH2 MLY D 6 -18.00 14.02 9.07
C MLY D 6 -20.33 18.04 14.51
O MLY D 6 -20.95 18.99 14.03
N LEU D 7 -20.58 17.50 15.69
CA LEU D 7 -21.59 18.04 16.60
C LEU D 7 -21.24 19.48 16.99
N MET D 8 -19.97 19.70 17.28
CA MET D 8 -19.46 21.04 17.56
C MET D 8 -19.79 22.04 16.45
N PHE D 9 -19.23 21.81 15.26
CA PHE D 9 -19.53 22.65 14.11
C PHE D 9 -20.93 22.31 13.58
#